data_3US9
#
_entry.id   3US9
#
_cell.length_a   80.670
_cell.length_b   152.550
_cell.length_c   79.700
_cell.angle_alpha   90.00
_cell.angle_beta   90.00
_cell.angle_gamma   90.00
#
_symmetry.space_group_name_H-M   'C 2 2 21'
#
loop_
_entity.id
_entity.type
_entity.pdbx_description
1 polymer 'Sodium/calcium exchanger 1'
2 non-polymer 'CALCIUM ION'
3 water water
#
_entity_poly.entity_id   1
_entity_poly.type   'polypeptide(L)'
_entity_poly.pdbx_seq_one_letter_code
;MSHHHHHHVSKIFFEQGTYQCLENCGTVALTIIRRGGDLTNTVFVDFRTEDGTANAGSDYEFTEGTVVFKPGETQKEIRV
GIIDDDIFEEDKNFLVHLSNVKVSSEASEDGILEANHVSALACLGSPSTATVTIFDDDHAGIFTFEEPVTHVSESIGIME
VKVLRTSGARGNVIVPYKTIEGTARGGGEDFEDTCGELEFQNDEIVKTISVKVIDDEEYEKNKTFFLEIGEPRLVEMSEK
KGGFTITEEYDDKQPLTSKEEEERRIAEMGRPILGEHTKLEVIIEESYEFKSTVD
;
_entity_poly.pdbx_strand_id   A
#
loop_
_chem_comp.id
_chem_comp.type
_chem_comp.name
_chem_comp.formula
CA non-polymer 'CALCIUM ION' 'Ca 2'
#
# COMPACT_ATOMS: atom_id res chain seq x y z
N SER A 10 30.20 0.26 -26.41
CA SER A 10 30.16 -1.10 -26.93
C SER A 10 28.97 -1.89 -26.37
N LYS A 11 29.03 -2.25 -25.09
CA LYS A 11 27.91 -2.95 -24.46
C LYS A 11 26.96 -1.94 -23.83
N ILE A 12 25.67 -2.08 -24.14
CA ILE A 12 24.66 -1.14 -23.68
C ILE A 12 23.43 -1.89 -23.19
N PHE A 13 23.06 -1.69 -21.92
CA PHE A 13 21.95 -2.45 -21.36
C PHE A 13 21.16 -1.76 -20.24
N PHE A 14 20.34 -2.56 -19.54
CA PHE A 14 19.42 -2.06 -18.53
C PHE A 14 20.00 -2.16 -17.12
N GLU A 15 20.02 -1.03 -16.41
CA GLU A 15 20.51 -0.99 -15.04
C GLU A 15 19.92 -2.13 -14.21
N GLN A 16 18.62 -2.06 -13.95
CA GLN A 16 17.93 -3.10 -13.18
C GLN A 16 17.08 -3.99 -14.08
N GLY A 17 17.29 -5.30 -13.97
CA GLY A 17 16.52 -6.25 -14.75
C GLY A 17 15.08 -6.33 -14.29
N THR A 18 14.79 -5.66 -13.17
CA THR A 18 13.44 -5.65 -12.61
C THR A 18 13.11 -4.30 -11.98
N TYR A 19 11.91 -3.80 -12.29
CA TYR A 19 11.42 -2.56 -11.71
C TYR A 19 10.06 -2.77 -11.07
N GLN A 20 9.69 -1.86 -10.17
CA GLN A 20 8.43 -1.96 -9.46
C GLN A 20 7.87 -0.58 -9.14
N CYS A 21 6.55 -0.45 -9.13
CA CYS A 21 5.90 0.83 -8.87
C CYS A 21 4.48 0.66 -8.34
N LEU A 22 3.85 1.80 -8.03
CA LEU A 22 2.47 1.81 -7.58
C LEU A 22 1.58 2.27 -8.73
N GLU A 23 0.32 1.84 -8.71
CA GLU A 23 -0.57 2.15 -9.81
C GLU A 23 -0.81 3.65 -9.96
N ASN A 24 -0.75 4.38 -8.84
CA ASN A 24 -0.99 5.81 -8.86
C ASN A 24 0.29 6.64 -9.04
N CYS A 25 1.41 5.96 -9.28
CA CYS A 25 2.68 6.65 -9.49
C CYS A 25 2.59 7.61 -10.66
N GLY A 26 1.66 7.35 -11.57
CA GLY A 26 1.46 8.20 -12.73
C GLY A 26 2.47 7.94 -13.83
N THR A 27 3.59 7.33 -13.45
CA THR A 27 4.66 7.04 -14.40
C THR A 27 5.81 6.33 -13.68
N VAL A 28 6.64 5.62 -14.43
CA VAL A 28 7.76 4.89 -13.87
C VAL A 28 9.03 5.09 -14.70
N ALA A 29 10.11 5.47 -14.03
CA ALA A 29 11.37 5.74 -14.73
C ALA A 29 12.30 4.52 -14.77
N LEU A 30 12.80 4.22 -15.97
CA LEU A 30 13.77 3.15 -16.15
C LEU A 30 15.06 3.72 -16.74
N THR A 31 16.19 3.25 -16.21
CA THR A 31 17.49 3.79 -16.63
C THR A 31 18.25 2.85 -17.55
N ILE A 32 18.90 3.42 -18.56
CA ILE A 32 19.73 2.65 -19.48
C ILE A 32 21.18 3.13 -19.39
N ILE A 33 22.11 2.26 -19.77
CA ILE A 33 23.53 2.50 -19.53
C ILE A 33 24.42 1.99 -20.67
N ARG A 34 25.59 2.60 -20.82
CA ARG A 34 26.63 2.03 -21.67
C ARG A 34 27.85 1.62 -20.83
N ARG A 35 28.25 0.36 -20.93
CA ARG A 35 29.27 -0.20 -20.05
C ARG A 35 30.69 0.26 -20.41
N GLY A 36 31.00 0.27 -21.71
CA GLY A 36 32.34 0.56 -22.17
C GLY A 36 32.60 -0.14 -23.49
N GLY A 37 33.87 -0.38 -23.80
CA GLY A 37 34.24 -1.02 -25.06
C GLY A 37 34.24 0.01 -26.18
N ASP A 38 34.06 1.26 -25.77
CA ASP A 38 34.04 2.41 -26.66
C ASP A 38 33.88 3.61 -25.76
N LEU A 39 34.25 4.80 -26.24
CA LEU A 39 34.18 5.99 -25.39
C LEU A 39 32.89 6.80 -25.59
N THR A 40 32.95 7.75 -26.52
CA THR A 40 31.86 8.69 -26.79
C THR A 40 32.06 9.23 -28.21
N ASN A 41 31.00 9.67 -28.88
CA ASN A 41 29.63 9.65 -28.36
C ASN A 41 28.68 9.12 -29.41
N THR A 42 27.42 9.52 -29.32
CA THR A 42 26.41 9.20 -30.33
C THR A 42 26.07 7.71 -30.39
N VAL A 43 25.41 7.22 -29.35
CA VAL A 43 24.80 5.90 -29.38
C VAL A 43 23.35 6.13 -28.99
N PHE A 44 22.42 5.48 -29.67
CA PHE A 44 21.02 5.62 -29.28
C PHE A 44 20.36 4.24 -29.27
N VAL A 45 19.47 4.02 -28.31
CA VAL A 45 18.85 2.72 -28.14
C VAL A 45 17.33 2.81 -28.31
N ASP A 46 16.78 1.89 -29.08
CA ASP A 46 15.34 1.84 -29.28
C ASP A 46 14.69 0.93 -28.24
N PHE A 47 13.63 1.44 -27.63
CA PHE A 47 12.93 0.69 -26.60
C PHE A 47 11.44 0.61 -26.91
N ARG A 48 10.79 -0.43 -26.41
CA ARG A 48 9.34 -0.53 -26.52
C ARG A 48 8.80 -1.50 -25.47
N THR A 49 7.50 -1.39 -25.20
CA THR A 49 6.88 -2.20 -24.16
C THR A 49 6.10 -3.38 -24.73
N GLU A 50 6.27 -4.54 -24.12
CA GLU A 50 5.47 -5.72 -24.45
C GLU A 50 4.57 -6.04 -23.26
N ASP A 51 3.45 -6.70 -23.53
CA ASP A 51 2.48 -7.00 -22.47
C ASP A 51 2.82 -8.25 -21.68
N GLY A 52 2.72 -8.14 -20.36
CA GLY A 52 2.76 -9.29 -19.48
C GLY A 52 1.36 -9.56 -19.02
N THR A 53 1.18 -9.88 -17.74
CA THR A 53 -0.16 -10.04 -17.18
C THR A 53 -0.87 -8.69 -17.16
N ALA A 54 -0.12 -7.64 -17.45
CA ALA A 54 -0.67 -6.30 -17.54
C ALA A 54 -0.77 -5.86 -19.00
N ASN A 55 -1.85 -5.18 -19.34
CA ASN A 55 -2.11 -4.80 -20.73
C ASN A 55 -2.05 -3.30 -20.95
N ALA A 56 -1.69 -2.90 -22.17
CA ALA A 56 -1.66 -1.49 -22.54
C ALA A 56 -3.07 -0.94 -22.73
N GLY A 57 -3.26 0.32 -22.39
CA GLY A 57 -4.56 0.95 -22.49
C GLY A 57 -5.41 0.71 -21.26
N SER A 58 -4.95 -0.19 -20.40
CA SER A 58 -5.66 -0.51 -19.16
C SER A 58 -4.76 -0.39 -17.94
N ASP A 59 -3.72 -1.21 -17.91
CA ASP A 59 -2.80 -1.24 -16.78
C ASP A 59 -1.68 -0.22 -16.94
N TYR A 60 -1.39 0.17 -18.17
CA TYR A 60 -0.33 1.14 -18.42
C TYR A 60 -0.40 1.74 -19.82
N GLU A 61 0.59 2.56 -20.16
CA GLU A 61 0.64 3.20 -21.47
C GLU A 61 1.73 2.67 -22.40
N PHE A 62 1.55 2.89 -23.69
CA PHE A 62 2.28 2.24 -24.79
C PHE A 62 3.81 2.35 -24.98
N THR A 63 4.39 3.52 -24.70
CA THR A 63 5.84 3.78 -24.55
C THR A 63 7.03 3.48 -25.54
N GLU A 64 6.96 3.90 -26.82
CA GLU A 64 8.12 3.75 -27.71
C GLU A 64 8.71 5.04 -28.30
N GLY A 65 10.04 5.11 -28.25
CA GLY A 65 10.86 6.25 -28.59
C GLY A 65 12.31 5.86 -28.70
N THR A 66 13.17 6.83 -28.97
CA THR A 66 14.59 6.57 -29.11
C THR A 66 15.38 7.38 -28.10
N VAL A 67 16.45 6.80 -27.58
CA VAL A 67 17.26 7.46 -26.56
C VAL A 67 18.59 7.92 -27.13
N VAL A 68 18.86 9.22 -27.05
CA VAL A 68 20.08 9.79 -27.61
C VAL A 68 21.20 9.96 -26.60
N PHE A 69 22.38 9.46 -26.94
CA PHE A 69 23.56 9.65 -26.10
C PHE A 69 24.49 10.72 -26.69
N LYS A 70 24.45 11.92 -26.12
CA LYS A 70 25.40 12.96 -26.47
C LYS A 70 26.75 12.60 -25.83
N PRO A 71 27.79 13.41 -26.01
CA PRO A 71 29.08 13.08 -25.40
C PRO A 71 29.14 13.22 -23.88
N GLY A 72 29.91 12.33 -23.26
CA GLY A 72 30.21 12.41 -21.85
C GLY A 72 29.09 11.98 -20.92
N GLU A 73 28.37 10.93 -21.29
CA GLU A 73 27.19 10.52 -20.52
C GLU A 73 26.89 9.03 -20.67
N THR A 74 26.55 8.37 -19.56
CA THR A 74 26.25 6.95 -19.60
C THR A 74 24.83 6.67 -19.10
N GLN A 75 24.13 7.73 -18.69
CA GLN A 75 22.84 7.58 -18.04
C GLN A 75 21.69 8.32 -18.71
N LYS A 76 20.75 7.56 -19.25
CA LYS A 76 19.52 8.10 -19.81
C LYS A 76 18.34 7.33 -19.24
N GLU A 77 17.25 8.03 -18.95
CA GLU A 77 16.07 7.40 -18.39
C GLU A 77 14.89 7.47 -19.35
N ILE A 78 14.06 6.45 -19.32
CA ILE A 78 12.80 6.45 -20.05
C ILE A 78 11.67 6.35 -19.03
N ARG A 79 10.49 6.85 -19.40
CA ARG A 79 9.38 6.86 -18.45
C ARG A 79 8.09 6.33 -19.08
N VAL A 80 7.52 5.31 -18.44
CA VAL A 80 6.30 4.69 -18.92
C VAL A 80 5.11 5.11 -18.06
N GLY A 81 4.06 5.63 -18.71
CA GLY A 81 2.87 6.04 -18.00
C GLY A 81 2.13 4.86 -17.40
N ILE A 82 1.72 5.00 -16.14
CA ILE A 82 0.97 3.96 -15.47
C ILE A 82 -0.49 4.38 -15.28
N ILE A 83 -1.40 3.65 -15.91
CA ILE A 83 -2.82 3.96 -15.84
C ILE A 83 -3.43 3.59 -14.50
N ASP A 84 -4.14 4.55 -13.92
CA ASP A 84 -4.75 4.34 -12.62
C ASP A 84 -6.28 4.42 -12.66
N ASP A 85 -6.93 3.45 -12.02
CA ASP A 85 -8.37 3.46 -11.81
C ASP A 85 -8.65 3.07 -10.36
N ASP A 86 -9.90 2.81 -10.00
CA ASP A 86 -10.21 2.51 -8.60
C ASP A 86 -10.58 1.05 -8.32
N ILE A 87 -10.33 0.18 -9.30
CA ILE A 87 -10.75 -1.22 -9.20
C ILE A 87 -9.65 -2.14 -8.70
N PHE A 88 -9.77 -2.63 -7.47
CA PHE A 88 -8.77 -3.51 -6.87
C PHE A 88 -8.29 -4.60 -7.83
N GLU A 89 -6.98 -4.74 -7.94
CA GLU A 89 -6.36 -5.76 -8.79
C GLU A 89 -5.20 -6.43 -8.08
N GLU A 90 -4.82 -7.61 -8.58
CA GLU A 90 -3.60 -8.27 -8.12
C GLU A 90 -2.40 -7.63 -8.82
N ASP A 91 -1.20 -8.09 -8.50
CA ASP A 91 0.00 -7.56 -9.14
C ASP A 91 0.16 -8.09 -10.57
N LYS A 92 0.58 -7.21 -11.48
CA LYS A 92 0.70 -7.57 -12.89
C LYS A 92 1.99 -6.99 -13.45
N ASN A 93 2.48 -7.58 -14.54
CA ASN A 93 3.78 -7.18 -15.09
C ASN A 93 3.70 -6.83 -16.57
N PHE A 94 4.67 -6.03 -17.02
CA PHE A 94 4.84 -5.77 -18.44
C PHE A 94 6.33 -5.59 -18.72
N LEU A 95 6.74 -5.86 -19.95
CA LEU A 95 8.16 -5.87 -20.29
C LEU A 95 8.56 -4.67 -21.15
N VAL A 96 9.83 -4.28 -21.03
CA VAL A 96 10.38 -3.19 -21.84
C VAL A 96 11.63 -3.69 -22.56
N HIS A 97 11.58 -3.71 -23.89
CA HIS A 97 12.65 -4.27 -24.69
C HIS A 97 13.55 -3.21 -25.31
N LEU A 98 14.85 -3.49 -25.34
CA LEU A 98 15.82 -2.64 -26.02
C LEU A 98 16.22 -3.26 -27.34
N SER A 99 16.41 -2.43 -28.36
CA SER A 99 16.65 -2.93 -29.70
C SER A 99 17.30 -1.88 -30.60
N ASN A 100 17.80 -2.32 -31.75
CA ASN A 100 18.32 -1.42 -32.77
C ASN A 100 19.31 -0.40 -32.22
N VAL A 101 20.52 -0.85 -31.88
CA VAL A 101 21.56 0.08 -31.46
C VAL A 101 22.29 0.61 -32.69
N LYS A 102 22.77 1.85 -32.64
CA LYS A 102 23.51 2.41 -33.76
C LYS A 102 24.94 2.80 -33.39
N VAL A 103 25.87 2.78 -34.36
CA VAL A 103 25.62 2.73 -35.81
C VAL A 103 25.40 4.17 -36.28
N SER A 104 26.20 5.05 -35.68
CA SER A 104 26.15 6.48 -35.95
C SER A 104 26.36 6.75 -37.43
N SER A 105 27.55 6.39 -37.93
CA SER A 105 27.85 6.53 -39.35
C SER A 105 27.83 7.98 -39.81
N GLU A 106 28.08 8.91 -38.89
CA GLU A 106 28.07 10.32 -39.21
C GLU A 106 29.12 11.09 -38.40
N ALA A 120 28.26 1.21 -36.06
CA ALA A 120 29.23 0.14 -35.87
C ALA A 120 28.56 -1.22 -35.83
N LEU A 121 29.18 -2.17 -35.15
CA LEU A 121 28.65 -3.52 -35.06
C LEU A 121 28.10 -3.81 -33.68
N ALA A 122 26.78 -3.95 -33.56
CA ALA A 122 26.19 -4.38 -32.30
C ALA A 122 26.53 -3.33 -31.22
N CYS A 123 26.42 -3.63 -29.93
CA CYS A 123 25.99 -4.93 -29.40
C CYS A 123 24.82 -4.79 -28.44
N LEU A 124 24.16 -5.90 -28.16
CA LEU A 124 22.97 -5.90 -27.33
C LEU A 124 23.26 -5.62 -25.85
N GLY A 125 23.98 -6.52 -25.20
CA GLY A 125 24.23 -6.43 -23.77
C GLY A 125 23.05 -6.95 -22.97
N SER A 126 23.25 -7.15 -21.67
CA SER A 126 22.21 -7.71 -20.81
C SER A 126 22.14 -6.98 -19.47
N PRO A 127 20.92 -6.81 -18.95
CA PRO A 127 19.68 -7.29 -19.58
C PRO A 127 19.16 -6.31 -20.63
N SER A 128 18.71 -6.83 -21.76
CA SER A 128 18.15 -5.99 -22.80
C SER A 128 16.66 -5.77 -22.59
N THR A 129 16.13 -6.38 -21.53
CA THR A 129 14.71 -6.28 -21.22
C THR A 129 14.48 -6.12 -19.72
N ALA A 130 13.47 -5.35 -19.36
CA ALA A 130 13.14 -5.14 -17.95
C ALA A 130 11.71 -5.59 -17.65
N THR A 131 11.49 -6.05 -16.42
CA THR A 131 10.16 -6.47 -15.99
C THR A 131 9.61 -5.50 -14.95
N VAL A 132 8.60 -4.73 -15.34
CA VAL A 132 7.99 -3.76 -14.44
C VAL A 132 6.78 -4.34 -13.72
N THR A 133 6.80 -4.28 -12.40
CA THR A 133 5.70 -4.80 -11.59
C THR A 133 4.84 -3.67 -11.05
N ILE A 134 3.55 -3.71 -11.37
CA ILE A 134 2.62 -2.69 -10.91
C ILE A 134 1.84 -3.17 -9.70
N PHE A 135 2.19 -2.64 -8.53
CA PHE A 135 1.46 -2.93 -7.31
C PHE A 135 0.22 -2.05 -7.18
N ASP A 136 -0.94 -2.68 -6.99
CA ASP A 136 -2.22 -2.00 -6.95
C ASP A 136 -2.48 -1.27 -5.62
N ASP A 137 -3.23 -0.18 -5.67
CA ASP A 137 -3.46 0.63 -4.48
C ASP A 137 -4.94 0.87 -4.21
N ASP A 138 -5.75 -0.16 -4.42
CA ASP A 138 -7.20 -0.02 -4.26
C ASP A 138 -7.85 -0.95 -3.23
N HIS A 139 -7.08 -1.54 -2.32
CA HIS A 139 -7.70 -2.32 -1.27
C HIS A 139 -8.27 -1.36 -0.25
N ALA A 140 -9.56 -1.48 0.04
CA ALA A 140 -10.21 -0.57 0.97
C ALA A 140 -9.61 -0.69 2.36
N GLY A 141 -8.86 -1.76 2.59
CA GLY A 141 -8.10 -1.92 3.82
C GLY A 141 -8.58 -2.99 4.78
N ILE A 142 -7.65 -3.50 5.58
CA ILE A 142 -7.98 -4.43 6.65
C ILE A 142 -7.87 -3.70 7.99
N PHE A 143 -8.95 -3.72 8.75
CA PHE A 143 -9.01 -2.97 10.01
C PHE A 143 -8.80 -3.85 11.23
N THR A 144 -7.81 -3.53 12.04
CA THR A 144 -7.45 -4.35 13.19
C THR A 144 -6.80 -3.52 14.31
N PHE A 145 -6.98 -3.98 15.55
CA PHE A 145 -6.25 -3.41 16.67
C PHE A 145 -4.81 -3.88 16.62
N GLU A 146 -3.91 -3.16 17.28
CA GLU A 146 -2.50 -3.52 17.29
C GLU A 146 -2.22 -4.68 18.24
N GLU A 147 -2.94 -4.71 19.36
CA GLU A 147 -2.75 -5.76 20.35
C GLU A 147 -4.08 -6.37 20.79
N PRO A 148 -4.06 -7.65 21.17
CA PRO A 148 -5.24 -8.35 21.68
C PRO A 148 -5.56 -7.92 23.12
N VAL A 149 -4.54 -7.49 23.86
CA VAL A 149 -4.72 -7.11 25.25
C VAL A 149 -3.88 -5.88 25.60
N THR A 150 -4.44 -4.99 26.42
CA THR A 150 -3.75 -3.79 26.87
C THR A 150 -3.92 -3.59 28.37
N HIS A 151 -2.86 -3.11 29.03
CA HIS A 151 -2.90 -2.85 30.46
C HIS A 151 -2.86 -1.35 30.73
N VAL A 152 -3.78 -0.87 31.56
CA VAL A 152 -3.85 0.54 31.90
C VAL A 152 -4.15 0.77 33.37
N SER A 153 -3.50 1.77 33.96
CA SER A 153 -3.73 2.11 35.36
C SER A 153 -5.06 2.84 35.52
N GLU A 154 -5.54 2.93 36.75
CA GLU A 154 -6.79 3.62 37.04
C GLU A 154 -6.66 5.09 36.68
N SER A 155 -5.45 5.61 36.83
CA SER A 155 -5.11 6.98 36.45
C SER A 155 -5.01 7.08 34.92
N ILE A 156 -4.93 8.31 34.41
CA ILE A 156 -4.87 8.56 32.97
C ILE A 156 -6.22 8.91 32.32
N GLY A 157 -7.30 8.82 33.09
CA GLY A 157 -8.61 9.24 32.65
C GLY A 157 -8.96 8.61 31.31
N ILE A 158 -9.03 9.44 30.27
CA ILE A 158 -9.28 8.94 28.92
C ILE A 158 -8.09 8.13 28.43
N MET A 159 -8.36 7.15 27.58
CA MET A 159 -7.29 6.35 27.00
C MET A 159 -7.42 6.26 25.48
N GLU A 160 -6.29 6.29 24.79
CA GLU A 160 -6.27 6.23 23.34
C GLU A 160 -6.05 4.81 22.83
N VAL A 161 -6.91 4.37 21.93
CA VAL A 161 -6.80 3.05 21.33
C VAL A 161 -6.77 3.15 19.80
N LYS A 162 -5.64 2.80 19.20
CA LYS A 162 -5.48 2.91 17.76
C LYS A 162 -6.19 1.79 16.99
N VAL A 163 -6.88 2.18 15.93
CA VAL A 163 -7.50 1.23 15.02
C VAL A 163 -6.84 1.32 13.64
N LEU A 164 -6.26 0.21 13.20
CA LEU A 164 -5.40 0.22 12.01
C LEU A 164 -6.11 -0.12 10.69
N ARG A 165 -5.67 0.55 9.62
CA ARG A 165 -6.14 0.26 8.27
C ARG A 165 -4.92 -0.17 7.47
N THR A 166 -4.85 -1.45 7.13
CA THR A 166 -3.70 -1.98 6.41
C THR A 166 -4.09 -2.52 5.03
N SER A 167 -3.08 -2.89 4.24
CA SER A 167 -3.29 -3.47 2.92
C SER A 167 -3.82 -2.47 1.90
N GLY A 168 -4.28 -1.32 2.36
CA GLY A 168 -4.85 -0.33 1.46
C GLY A 168 -5.65 0.74 2.17
N ALA A 169 -5.67 1.95 1.59
CA ALA A 169 -6.31 3.09 2.24
C ALA A 169 -7.44 3.65 1.38
N ARG A 170 -7.65 3.04 0.21
CA ARG A 170 -8.59 3.55 -0.77
C ARG A 170 -10.04 3.63 -0.31
N GLY A 171 -10.60 4.84 -0.40
CA GLY A 171 -12.02 5.05 -0.16
C GLY A 171 -12.36 5.51 1.25
N ASN A 172 -13.61 5.93 1.43
CA ASN A 172 -14.11 6.30 2.74
C ASN A 172 -14.79 5.12 3.43
N VAL A 173 -14.17 4.63 4.51
CA VAL A 173 -14.71 3.47 5.22
C VAL A 173 -15.22 3.85 6.61
N ILE A 174 -16.38 3.29 6.97
CA ILE A 174 -16.96 3.50 8.29
C ILE A 174 -16.79 2.26 9.15
N VAL A 175 -16.08 2.41 10.27
CA VAL A 175 -15.82 1.30 11.17
C VAL A 175 -16.51 1.52 12.52
N PRO A 176 -17.58 0.75 12.78
CA PRO A 176 -18.33 0.85 14.03
C PRO A 176 -17.55 0.25 15.20
N TYR A 177 -17.84 0.71 16.41
CA TYR A 177 -17.19 0.19 17.60
C TYR A 177 -18.06 0.35 18.84
N LYS A 178 -17.66 -0.31 19.93
CA LYS A 178 -18.40 -0.25 21.18
C LYS A 178 -17.62 -0.93 22.30
N THR A 179 -18.01 -0.65 23.54
CA THR A 179 -17.37 -1.28 24.70
C THR A 179 -18.25 -2.39 25.26
N ILE A 180 -17.61 -3.47 25.68
CA ILE A 180 -18.31 -4.60 26.29
C ILE A 180 -17.87 -4.80 27.73
N GLU A 181 -18.83 -4.68 28.64
CA GLU A 181 -18.55 -4.75 30.07
C GLU A 181 -18.02 -6.12 30.50
N GLY A 182 -16.85 -6.11 31.16
CA GLY A 182 -16.31 -7.33 31.74
C GLY A 182 -16.38 -7.25 33.25
N THR A 183 -15.40 -7.82 33.93
CA THR A 183 -15.35 -7.72 35.39
C THR A 183 -15.31 -6.26 35.79
N ALA A 184 -14.84 -5.42 34.87
CA ALA A 184 -14.87 -3.98 35.06
C ALA A 184 -16.20 -3.43 34.55
N ARG A 185 -16.90 -2.71 35.41
CA ARG A 185 -18.23 -2.21 35.08
C ARG A 185 -18.21 -0.79 34.53
N GLY A 186 -19.05 -0.54 33.53
CA GLY A 186 -19.18 0.78 32.95
C GLY A 186 -20.25 1.59 33.67
N GLY A 187 -20.89 2.51 32.95
CA GLY A 187 -21.95 3.32 33.52
C GLY A 187 -21.44 4.35 34.51
N GLY A 188 -20.12 4.46 34.62
CA GLY A 188 -19.51 5.43 35.50
C GLY A 188 -18.96 4.82 36.77
N GLU A 189 -18.82 3.50 36.78
CA GLU A 189 -18.24 2.79 37.91
C GLU A 189 -16.75 2.60 37.70
N ASP A 190 -16.38 1.94 36.61
CA ASP A 190 -14.98 1.72 36.28
C ASP A 190 -14.60 2.49 35.01
N PHE A 191 -15.35 2.26 33.94
CA PHE A 191 -15.13 2.97 32.68
C PHE A 191 -16.41 3.62 32.19
N GLU A 192 -16.28 4.60 31.31
CA GLU A 192 -17.44 5.28 30.73
C GLU A 192 -17.75 4.69 29.37
N ASP A 193 -18.93 4.08 29.25
CA ASP A 193 -19.35 3.43 28.01
C ASP A 193 -19.16 4.34 26.79
N THR A 194 -18.74 3.74 25.68
CA THR A 194 -18.55 4.48 24.44
C THR A 194 -19.02 3.68 23.23
N CYS A 195 -19.78 4.32 22.36
CA CYS A 195 -20.25 3.70 21.13
C CYS A 195 -20.15 4.68 19.98
N GLY A 196 -20.14 4.17 18.76
CA GLY A 196 -20.05 5.02 17.58
C GLY A 196 -19.31 4.35 16.44
N GLU A 197 -18.92 5.15 15.45
CA GLU A 197 -18.21 4.64 14.29
C GLU A 197 -17.12 5.59 13.81
N LEU A 198 -15.94 5.05 13.56
CA LEU A 198 -14.82 5.82 13.06
C LEU A 198 -14.96 6.05 11.55
N GLU A 199 -14.73 7.27 11.11
CA GLU A 199 -14.80 7.61 9.68
C GLU A 199 -13.41 7.69 9.07
N PHE A 200 -13.03 6.67 8.31
CA PHE A 200 -11.73 6.66 7.64
C PHE A 200 -11.78 7.36 6.29
N GLN A 201 -11.12 8.51 6.20
CA GLN A 201 -11.03 9.23 4.94
C GLN A 201 -10.09 8.53 3.97
N ASN A 202 -10.21 8.85 2.69
CA ASN A 202 -9.33 8.27 1.68
C ASN A 202 -7.87 8.50 2.03
N ASP A 203 -7.03 7.50 1.77
CA ASP A 203 -5.60 7.59 2.05
C ASP A 203 -5.28 7.63 3.54
N GLU A 204 -6.30 7.68 4.38
CA GLU A 204 -6.08 7.70 5.82
C GLU A 204 -5.88 6.29 6.38
N ILE A 205 -5.01 6.18 7.39
CA ILE A 205 -4.60 4.88 7.89
C ILE A 205 -5.04 4.63 9.34
N VAL A 206 -4.63 5.50 10.24
CA VAL A 206 -4.84 5.27 11.67
C VAL A 206 -5.97 6.13 12.25
N LYS A 207 -6.60 5.61 13.30
CA LYS A 207 -7.62 6.35 14.03
C LYS A 207 -7.63 5.88 15.49
N THR A 208 -7.88 6.81 16.41
CA THR A 208 -7.88 6.47 17.82
C THR A 208 -9.28 6.49 18.43
N ILE A 209 -9.54 5.56 19.34
CA ILE A 209 -10.78 5.51 20.08
C ILE A 209 -10.54 5.93 21.52
N SER A 210 -11.33 6.88 22.01
CA SER A 210 -11.17 7.39 23.36
C SER A 210 -12.16 6.75 24.32
N VAL A 211 -11.63 6.12 25.37
CA VAL A 211 -12.47 5.52 26.41
C VAL A 211 -12.09 6.09 27.77
N LYS A 212 -13.09 6.47 28.56
CA LYS A 212 -12.86 7.08 29.86
C LYS A 212 -12.73 6.06 30.98
N VAL A 213 -11.52 5.94 31.53
CA VAL A 213 -11.28 5.09 32.68
C VAL A 213 -11.22 5.97 33.93
N ILE A 214 -11.96 5.58 34.97
CA ILE A 214 -12.05 6.42 36.16
C ILE A 214 -11.44 5.75 37.39
N ASP A 215 -11.12 6.58 38.38
CA ASP A 215 -10.47 6.09 39.61
C ASP A 215 -11.51 5.64 40.63
N ASP A 216 -11.27 4.48 41.24
CA ASP A 216 -12.12 3.99 42.30
C ASP A 216 -11.45 4.22 43.64
N GLU A 217 -12.24 4.60 44.64
CA GLU A 217 -11.75 4.63 46.01
C GLU A 217 -11.44 3.19 46.40
N GLU A 218 -11.60 2.29 45.44
CA GLU A 218 -11.66 0.86 45.72
C GLU A 218 -10.74 -0.02 44.87
N TYR A 219 -9.97 -0.85 45.59
CA TYR A 219 -9.04 -1.82 45.03
C TYR A 219 -9.62 -2.74 43.96
N GLU A 220 -10.35 -3.76 44.40
CA GLU A 220 -10.81 -4.79 43.48
C GLU A 220 -9.57 -5.45 42.88
N LYS A 221 -9.74 -6.20 41.80
CA LYS A 221 -8.60 -6.86 41.19
C LYS A 221 -8.85 -7.23 39.74
N ASN A 222 -7.82 -7.08 38.91
CA ASN A 222 -7.89 -7.42 37.49
C ASN A 222 -9.24 -7.07 36.87
N LYS A 223 -9.54 -5.78 36.80
CA LYS A 223 -10.75 -5.31 36.14
C LYS A 223 -10.59 -5.34 34.64
N THR A 224 -11.40 -6.18 33.98
CA THR A 224 -11.29 -6.36 32.54
C THR A 224 -12.57 -5.92 31.82
N PHE A 225 -12.41 -5.11 30.78
CA PHE A 225 -13.52 -4.76 29.91
C PHE A 225 -13.02 -4.76 28.46
N PHE A 226 -13.94 -4.91 27.52
CA PHE A 226 -13.58 -5.08 26.12
C PHE A 226 -13.95 -3.89 25.23
N LEU A 227 -13.22 -3.73 24.14
CA LEU A 227 -13.51 -2.74 23.13
C LEU A 227 -13.49 -3.42 21.76
N GLU A 228 -14.66 -3.49 21.13
CA GLU A 228 -14.78 -4.26 19.90
C GLU A 228 -15.13 -3.38 18.70
N ILE A 229 -14.67 -3.79 17.52
CA ILE A 229 -15.02 -3.12 16.28
C ILE A 229 -15.83 -4.05 15.39
N GLY A 230 -16.90 -3.51 14.80
CA GLY A 230 -17.76 -4.30 13.92
C GLY A 230 -17.34 -4.25 12.47
N GLU A 231 -18.11 -4.94 11.63
CA GLU A 231 -17.84 -4.99 10.19
C GLU A 231 -17.78 -3.59 9.57
N PRO A 232 -16.67 -3.29 8.87
CA PRO A 232 -16.51 -2.00 8.19
C PRO A 232 -17.28 -1.98 6.88
N ARG A 233 -17.62 -0.80 6.41
CA ARG A 233 -18.32 -0.63 5.14
C ARG A 233 -18.00 0.76 4.60
N LEU A 234 -17.98 0.90 3.27
CA LEU A 234 -17.60 2.18 2.68
C LEU A 234 -18.81 3.03 2.25
N VAL A 235 -18.58 4.34 2.16
CA VAL A 235 -19.65 5.32 1.92
C VAL A 235 -19.85 5.60 0.43
N GLU A 236 -21.09 5.92 0.06
CA GLU A 236 -21.45 6.15 -1.34
C GLU A 236 -20.85 7.42 -1.91
N MET A 237 -21.05 7.63 -3.20
CA MET A 237 -20.59 8.85 -3.88
C MET A 237 -19.19 9.25 -3.47
N THR A 257 -13.91 -12.22 -22.11
CA THR A 257 -14.79 -12.15 -20.95
C THR A 257 -14.35 -13.11 -19.85
N SER A 258 -13.62 -14.16 -20.24
CA SER A 258 -13.04 -15.07 -19.28
C SER A 258 -12.16 -14.30 -18.31
N LYS A 259 -11.34 -13.40 -18.86
CA LYS A 259 -10.44 -12.58 -18.06
C LYS A 259 -11.24 -11.54 -17.28
N GLU A 260 -12.11 -10.82 -17.97
CA GLU A 260 -12.95 -9.80 -17.35
C GLU A 260 -13.72 -10.34 -16.15
N GLU A 261 -14.08 -11.61 -16.20
CA GLU A 261 -14.84 -12.23 -15.11
C GLU A 261 -13.99 -12.44 -13.86
N GLU A 262 -12.80 -13.01 -14.02
CA GLU A 262 -11.90 -13.18 -12.89
C GLU A 262 -11.42 -11.81 -12.41
N GLU A 263 -11.36 -10.87 -13.35
CA GLU A 263 -10.98 -9.50 -13.04
C GLU A 263 -12.00 -8.84 -12.12
N ARG A 264 -13.28 -9.09 -12.38
CA ARG A 264 -14.34 -8.50 -11.57
C ARG A 264 -14.51 -9.25 -10.25
N ARG A 265 -14.14 -10.52 -10.24
CA ARG A 265 -14.17 -11.31 -9.01
C ARG A 265 -13.09 -10.85 -8.06
N ILE A 266 -11.89 -10.61 -8.60
CA ILE A 266 -10.78 -10.11 -7.81
C ILE A 266 -11.08 -8.70 -7.31
N ALA A 267 -11.88 -7.97 -8.08
CA ALA A 267 -12.27 -6.61 -7.70
C ALA A 267 -13.10 -6.62 -6.43
N GLU A 268 -13.98 -7.62 -6.29
CA GLU A 268 -14.83 -7.73 -5.13
C GLU A 268 -14.05 -8.05 -3.86
N MET A 269 -12.76 -8.31 -4.00
CA MET A 269 -11.91 -8.66 -2.88
C MET A 269 -11.16 -7.45 -2.33
N GLY A 270 -11.42 -6.28 -2.89
CA GLY A 270 -10.77 -5.06 -2.46
C GLY A 270 -11.63 -4.23 -1.54
N ARG A 271 -12.57 -4.89 -0.86
CA ARG A 271 -13.53 -4.23 0.01
C ARG A 271 -13.04 -4.25 1.46
N PRO A 272 -13.52 -3.28 2.27
CA PRO A 272 -13.08 -3.18 3.66
C PRO A 272 -13.49 -4.40 4.48
N ILE A 273 -12.54 -4.98 5.21
CA ILE A 273 -12.82 -6.14 6.05
C ILE A 273 -12.11 -6.00 7.39
N LEU A 274 -12.51 -6.84 8.35
CA LEU A 274 -11.87 -6.83 9.66
C LEU A 274 -10.56 -7.63 9.63
N GLY A 275 -9.68 -7.34 10.57
CA GLY A 275 -8.35 -7.93 10.58
C GLY A 275 -8.12 -8.95 11.67
N GLU A 276 -6.86 -9.09 12.07
CA GLU A 276 -6.46 -10.10 13.04
C GLU A 276 -7.11 -9.89 14.41
N HIS A 277 -7.07 -8.67 14.91
CA HIS A 277 -7.64 -8.35 16.21
C HIS A 277 -8.84 -7.41 16.09
N THR A 278 -10.03 -7.95 16.31
CA THR A 278 -11.26 -7.16 16.23
C THR A 278 -11.82 -6.85 17.60
N LYS A 279 -11.19 -7.41 18.64
CA LYS A 279 -11.63 -7.17 20.01
C LYS A 279 -10.44 -6.97 20.94
N LEU A 280 -10.48 -5.89 21.72
CA LEU A 280 -9.40 -5.56 22.64
C LEU A 280 -9.80 -5.77 24.09
N GLU A 281 -9.02 -6.55 24.82
CA GLU A 281 -9.26 -6.78 26.24
C GLU A 281 -8.42 -5.80 27.06
N VAL A 282 -9.10 -4.98 27.86
CA VAL A 282 -8.41 -3.97 28.66
C VAL A 282 -8.30 -4.37 30.12
N ILE A 283 -7.08 -4.65 30.56
CA ILE A 283 -6.82 -4.96 31.97
C ILE A 283 -6.45 -3.67 32.71
N ILE A 284 -6.99 -3.50 33.91
CA ILE A 284 -6.73 -2.31 34.70
C ILE A 284 -5.88 -2.60 35.94
N GLU A 285 -4.78 -1.87 36.10
CA GLU A 285 -3.88 -2.07 37.23
C GLU A 285 -4.26 -1.17 38.41
N GLU A 286 -4.10 -1.68 39.62
CA GLU A 286 -4.58 -1.00 40.83
C GLU A 286 -3.47 -0.19 41.49
N SER A 287 -3.81 0.44 42.62
CA SER A 287 -2.80 1.14 43.39
C SER A 287 -2.17 2.22 42.49
N TYR A 288 -1.02 2.78 42.89
CA TYR A 288 -0.35 2.51 44.15
C TYR A 288 -0.66 3.60 45.16
N GLU A 289 -1.43 3.26 46.19
CA GLU A 289 -1.70 4.19 47.27
C GLU A 289 -0.34 4.52 47.88
N PHE A 290 -0.27 5.64 48.62
CA PHE A 290 0.93 6.07 49.32
C PHE A 290 1.02 7.60 49.33
CA CA B . -3.85 -1.49 -12.70
CA CA C . -5.73 2.56 -8.14
CA CA D . -6.84 -0.55 -9.57
#